data_3BHR
#
_entry.id   3BHR
#
_cell.length_a   71.950
_cell.length_b   71.950
_cell.length_c   115.470
_cell.angle_alpha   90.00
_cell.angle_beta   90.00
_cell.angle_gamma   120.00
#
_symmetry.space_group_name_H-M   'P 31 2 1'
#
loop_
_entity.id
_entity.type
_entity.pdbx_description
1 polymer 'Thymidylate synthase'
2 non-polymer 'PHOSPHATE ION'
3 non-polymer (6S)-5,6,7,8-TETRAHYDROFOLATE
4 non-polymer "2'-DEOXY-5-NITROURIDINE 5'-MONOPHOSPHATE"
5 water water
#
_entity_poly.entity_id   1
_entity_poly.type   'polypeptide(L)'
_entity_poly.pdbx_seq_one_letter_code
;(CXM)KQYLELMQKVLDEGTQKNDRTGTGTLSIFGHQMRFNLQDGFPLVTTKRCHLRSIIHELLWFLQGDTNIAYLHENN
VTIWDEWADENGDLGPVYGKQWRAWPTPDGRHIDQITTVLNQLKNDPDSRRIIVSAWNVGELDKMALAPCHAFFQFYVAD
GKLSCQLYQRSCDVFLGLPFNIASYALLVHMMAQQCDLEVGDFVWTGGDTHLYSNHMDQTHLQLSREPRPLPKLIIKRKP
ESIFDYRFEDFEIEGYDPHPGIKAPVAI
;
_entity_poly.pdbx_strand_id   A
#
loop_
_chem_comp.id
_chem_comp.type
_chem_comp.name
_chem_comp.formula
NDU DNA linking '2'-DEOXY-5-NITROURIDINE 5'-MONOPHOSPHATE' 'C9 H14 N3 O10 P'
PO4 non-polymer 'PHOSPHATE ION' 'O4 P -3'
THG non-polymer (6S)-5,6,7,8-TETRAHYDROFOLATE 'C19 H23 N7 O6'
#
# COMPACT_ATOMS: atom_id res chain seq x y z
N CXM A 1 12.28 -9.42 -3.83
CA CXM A 1 11.60 -10.65 -3.39
CB CXM A 1 10.27 -10.36 -2.68
CG CXM A 1 10.32 -9.51 -1.49
SD CXM A 1 8.67 -9.21 -0.81
CE CXM A 1 8.01 -7.89 -1.83
C CXM A 1 11.22 -11.41 -4.66
O CXM A 1 11.02 -10.77 -5.72
CN CXM A 1 13.25 -8.78 -3.16
ON1 CXM A 1 13.53 -9.10 -1.98
ON2 CXM A 1 13.63 -7.69 -3.59
N LYS A 2 11.20 -12.72 -4.45
CA LYS A 2 10.97 -13.62 -5.57
C LYS A 2 9.73 -13.27 -6.39
N GLN A 3 8.59 -13.07 -5.71
CA GLN A 3 7.30 -12.83 -6.41
C GLN A 3 7.38 -11.51 -7.17
N TYR A 4 8.11 -10.55 -6.59
CA TYR A 4 8.23 -9.22 -7.16
C TYR A 4 9.11 -9.19 -8.42
N LEU A 5 10.25 -9.89 -8.37
CA LEU A 5 11.14 -9.96 -9.52
C LEU A 5 10.50 -10.77 -10.64
N GLU A 6 9.76 -11.82 -10.27
CA GLU A 6 8.96 -12.57 -11.25
C GLU A 6 7.98 -11.70 -12.04
N LEU A 7 7.32 -10.77 -11.32
CA LEU A 7 6.36 -9.84 -11.95
C LEU A 7 7.08 -8.89 -12.89
N MET A 8 8.20 -8.34 -12.40
CA MET A 8 9.01 -7.44 -13.24
C MET A 8 9.40 -8.08 -14.57
N GLN A 9 9.87 -9.32 -14.49
CA GLN A 9 10.29 -10.08 -15.69
C GLN A 9 9.09 -10.33 -16.63
N LYS A 10 7.96 -10.66 -16.04
CA LYS A 10 6.72 -10.92 -16.79
C LYS A 10 6.30 -9.66 -17.53
N VAL A 11 6.40 -8.50 -16.89
CA VAL A 11 6.01 -7.24 -17.56
C VAL A 11 6.97 -6.99 -18.76
N LEU A 12 8.25 -7.25 -18.57
CA LEU A 12 9.24 -7.09 -19.66
C LEU A 12 8.98 -8.03 -20.82
N ASP A 13 8.67 -9.27 -20.51
CA ASP A 13 8.47 -10.30 -21.52
C ASP A 13 7.09 -10.26 -22.21
N GLU A 14 6.04 -9.89 -21.46
CA GLU A 14 4.66 -9.99 -21.91
C GLU A 14 3.92 -8.68 -22.04
N GLY A 15 4.50 -7.61 -21.55
CA GLY A 15 3.80 -6.34 -21.52
C GLY A 15 3.69 -5.80 -22.92
N THR A 16 2.61 -5.08 -23.21
CA THR A 16 2.53 -4.37 -24.48
C THR A 16 2.73 -2.89 -24.23
N GLN A 17 3.25 -2.24 -25.27
CA GLN A 17 3.53 -0.79 -25.21
C GLN A 17 2.23 -0.04 -25.19
N LYS A 18 2.09 0.85 -24.24
CA LYS A 18 0.85 1.55 -24.03
C LYS A 18 1.20 3.01 -23.74
N ASN A 19 0.52 3.93 -24.40
CA ASN A 19 0.62 5.32 -23.99
C ASN A 19 -0.07 5.46 -22.64
N ASP A 20 0.17 6.59 -21.97
CA ASP A 20 -0.48 6.82 -20.67
C ASP A 20 -0.73 8.29 -20.44
N ARG A 21 -1.55 8.53 -19.44
CA ARG A 21 -1.92 9.85 -18.90
C ARG A 21 -0.75 10.83 -18.85
N THR A 22 0.39 10.37 -18.35
CA THR A 22 1.56 11.24 -18.06
C THR A 22 2.42 11.58 -19.28
N GLY A 23 2.21 10.89 -20.39
CA GLY A 23 2.97 11.13 -21.60
C GLY A 23 4.28 10.40 -21.62
N THR A 24 4.49 9.53 -20.64
CA THR A 24 5.75 8.83 -20.49
C THR A 24 5.85 7.56 -21.32
N GLY A 25 4.77 6.78 -21.35
CA GLY A 25 4.79 5.50 -22.05
C GLY A 25 5.15 4.40 -21.07
N THR A 26 4.49 3.26 -21.22
CA THR A 26 4.68 2.10 -20.37
C THR A 26 4.70 0.83 -21.14
N LEU A 27 5.23 -0.19 -20.52
CA LEU A 27 4.92 -1.58 -20.83
C LEU A 27 3.92 -2.06 -19.78
N SER A 28 2.82 -2.62 -20.26
CA SER A 28 1.66 -2.95 -19.42
C SER A 28 1.12 -4.37 -19.60
N ILE A 29 0.76 -4.99 -18.47
CA ILE A 29 -0.08 -6.18 -18.49
C ILE A 29 -1.35 -5.86 -17.68
N PHE A 30 -2.40 -6.63 -17.91
CA PHE A 30 -3.64 -6.48 -17.20
C PHE A 30 -4.01 -7.74 -16.47
N GLY A 31 -4.09 -7.61 -15.15
CA GLY A 31 -4.51 -8.71 -14.31
C GLY A 31 -3.37 -9.58 -13.87
N HIS A 32 -3.05 -9.49 -12.59
CA HIS A 32 -2.01 -10.31 -12.02
C HIS A 32 -2.33 -10.48 -10.55
N GLN A 33 -1.89 -11.58 -10.00
CA GLN A 33 -2.13 -11.84 -8.58
C GLN A 33 -0.92 -12.49 -7.98
N MET A 34 -0.59 -12.04 -6.77
CA MET A 34 0.50 -12.64 -5.98
C MET A 34 0.08 -12.80 -4.54
N ARG A 35 0.71 -13.74 -3.86
CA ARG A 35 0.36 -14.01 -2.46
C ARG A 35 1.61 -14.02 -1.61
N PHE A 36 1.52 -13.38 -0.45
CA PHE A 36 2.59 -13.32 0.54
C PHE A 36 2.09 -13.90 1.83
N ASN A 37 2.75 -14.96 2.29
CA ASN A 37 2.40 -15.54 3.57
C ASN A 37 3.18 -14.75 4.59
N LEU A 38 2.47 -13.99 5.40
CA LEU A 38 3.10 -13.04 6.30
C LEU A 38 3.87 -13.66 7.47
N GLN A 39 3.70 -14.96 7.64
CA GLN A 39 4.45 -15.74 8.63
C GLN A 39 5.85 -16.05 8.14
N ASP A 40 6.08 -15.97 6.84
CA ASP A 40 7.41 -16.24 6.26
C ASP A 40 8.34 -15.06 6.42
N GLY A 41 7.75 -13.92 6.72
CA GLY A 41 8.52 -12.69 6.91
C GLY A 41 7.81 -11.48 6.34
N PHE A 42 8.36 -10.33 6.67
CA PHE A 42 7.77 -9.08 6.29
C PHE A 42 8.16 -8.76 4.85
N PRO A 43 7.15 -8.62 3.95
CA PRO A 43 7.49 -8.51 2.52
C PRO A 43 7.92 -7.12 2.11
N LEU A 44 9.15 -6.78 2.51
CA LEU A 44 9.83 -5.56 2.10
C LEU A 44 10.93 -5.94 1.10
N VAL A 45 10.84 -5.33 -0.07
CA VAL A 45 11.82 -5.55 -1.15
C VAL A 45 13.26 -5.34 -0.62
N THR A 46 14.09 -6.33 -0.92
CA THR A 46 15.54 -6.36 -0.54
C THR A 46 16.51 -6.05 -1.69
N THR A 47 16.02 -6.14 -2.95
CA THR A 47 16.86 -5.92 -4.11
C THR A 47 17.08 -4.46 -4.41
N LYS A 48 16.43 -3.62 -3.63
CA LYS A 48 16.80 -2.22 -3.54
C LYS A 48 16.38 -1.69 -2.14
N ARG A 49 17.10 -0.73 -1.62
CA ARG A 49 16.72 -0.18 -0.34
C ARG A 49 15.45 0.64 -0.44
N CYS A 50 14.46 0.26 0.36
CA CYS A 50 13.22 1.04 0.48
C CYS A 50 13.21 1.97 1.67
N HIS A 51 12.67 3.16 1.49
CA HIS A 51 12.59 4.16 2.61
C HIS A 51 11.41 3.89 3.55
N LEU A 52 11.69 3.15 4.61
CA LEU A 52 10.68 2.74 5.60
C LEU A 52 9.99 3.89 6.27
N ARG A 53 10.74 4.95 6.47
CA ARG A 53 10.19 6.15 7.07
C ARG A 53 8.92 6.65 6.32
N SER A 54 9.06 6.73 5.00
CA SER A 54 7.97 7.21 4.11
C SER A 54 6.79 6.23 4.14
N ILE A 55 7.10 4.95 4.12
CA ILE A 55 6.05 3.91 4.12
C ILE A 55 5.20 3.98 5.39
N ILE A 56 5.87 4.03 6.54
CA ILE A 56 5.20 3.96 7.80
C ILE A 56 4.39 5.21 8.02
N HIS A 57 5.00 6.38 7.80
CA HIS A 57 4.29 7.65 7.99
C HIS A 57 3.08 7.82 7.07
N GLU A 58 3.21 7.35 5.83
CA GLU A 58 2.07 7.47 4.90
C GLU A 58 0.85 6.69 5.46
N LEU A 59 1.11 5.54 6.03
CA LEU A 59 0.04 4.68 6.54
C LEU A 59 -0.62 5.30 7.77
N LEU A 60 0.19 5.85 8.65
CA LEU A 60 -0.32 6.49 9.86
C LEU A 60 -1.14 7.73 9.48
N TRP A 61 -0.70 8.39 8.43
CA TRP A 61 -1.41 9.55 7.88
C TRP A 61 -2.80 9.13 7.35
N PHE A 62 -2.86 8.08 6.56
CA PHE A 62 -4.15 7.54 6.07
C PHE A 62 -5.12 7.27 7.23
N LEU A 63 -4.60 6.61 8.25
CA LEU A 63 -5.38 6.17 9.40
C LEU A 63 -5.92 7.35 10.19
N GLN A 64 -5.25 8.51 10.15
CA GLN A 64 -5.73 9.73 10.82
C GLN A 64 -6.89 10.37 10.05
N GLY A 65 -7.02 10.01 8.79
CA GLY A 65 -8.08 10.58 7.97
C GLY A 65 -7.65 11.90 7.36
N ASP A 66 -6.35 12.12 7.36
CA ASP A 66 -5.74 13.35 6.90
C ASP A 66 -5.50 13.33 5.42
N THR A 67 -5.80 14.43 4.75
CA THR A 67 -5.51 14.58 3.33
C THR A 67 -4.64 15.81 2.97
N ASN A 68 -4.11 16.44 4.00
CA ASN A 68 -3.23 17.54 3.81
C ASN A 68 -1.82 17.05 4.12
N ILE A 69 -0.86 17.54 3.35
CA ILE A 69 0.52 16.99 3.44
C ILE A 69 1.37 17.53 4.60
N ALA A 70 0.78 18.42 5.42
CA ALA A 70 1.54 19.06 6.58
C ALA A 70 2.16 18.01 7.47
N TYR A 71 1.37 17.01 7.82
CA TYR A 71 1.84 15.92 8.69
C TYR A 71 3.06 15.17 8.13
N LEU A 72 3.02 14.91 6.84
CA LEU A 72 4.13 14.25 6.15
C LEU A 72 5.38 15.15 6.19
N HIS A 73 5.19 16.44 5.91
CA HIS A 73 6.33 17.38 5.96
C HIS A 73 6.93 17.52 7.36
N GLU A 74 6.07 17.59 8.36
CA GLU A 74 6.50 17.62 9.77
C GLU A 74 7.42 16.45 10.02
N ASN A 75 7.22 15.38 9.26
CA ASN A 75 7.99 14.15 9.47
C ASN A 75 8.96 13.84 8.35
N ASN A 76 9.25 14.89 7.60
CA ASN A 76 10.20 14.86 6.49
C ASN A 76 9.91 13.80 5.45
N VAL A 77 8.63 13.66 5.11
CA VAL A 77 8.19 12.78 4.07
C VAL A 77 7.63 13.63 2.94
N THR A 78 8.22 13.46 1.75
CA THR A 78 7.91 14.34 0.62
C THR A 78 7.32 13.64 -0.59
N ILE A 79 6.87 12.40 -0.40
CA ILE A 79 6.39 11.56 -1.51
C ILE A 79 5.09 12.02 -2.17
N TRP A 80 4.35 12.90 -1.49
CA TRP A 80 3.06 13.42 -1.99
C TRP A 80 3.14 14.88 -2.45
N ASP A 81 4.33 15.46 -2.47
CA ASP A 81 4.46 16.90 -2.76
C ASP A 81 3.98 17.28 -4.16
N GLU A 82 4.21 16.41 -5.14
CA GLU A 82 3.96 16.82 -6.53
C GLU A 82 2.50 17.05 -6.86
N TRP A 83 1.60 16.50 -6.06
CA TRP A 83 0.18 16.52 -6.41
C TRP A 83 -0.61 17.48 -5.56
N ALA A 84 0.05 18.00 -4.53
CA ALA A 84 -0.64 18.86 -3.56
C ALA A 84 -0.79 20.29 -4.07
N ASP A 85 -1.85 20.96 -3.66
CA ASP A 85 -2.04 22.34 -4.08
C ASP A 85 -1.28 23.28 -3.15
N GLU A 86 -1.55 24.57 -3.32
CA GLU A 86 -0.75 25.66 -2.69
C GLU A 86 -0.85 25.55 -1.19
N ASN A 87 -2.00 25.06 -0.72
CA ASN A 87 -2.30 24.90 0.71
C ASN A 87 -1.92 23.55 1.29
N GLY A 88 -1.32 22.71 0.43
CA GLY A 88 -0.89 21.36 0.79
C GLY A 88 -2.00 20.31 0.74
N ASP A 89 -3.09 20.66 0.08
CA ASP A 89 -4.27 19.81 0.01
C ASP A 89 -4.28 18.92 -1.22
N LEU A 90 -4.86 17.74 -1.00
CA LEU A 90 -4.94 16.71 -2.05
C LEU A 90 -6.37 16.42 -2.43
N GLY A 91 -7.31 16.95 -1.66
CA GLY A 91 -8.72 16.61 -1.82
C GLY A 91 -9.03 15.34 -1.04
N PRO A 92 -10.24 14.80 -1.18
CA PRO A 92 -10.70 13.74 -0.27
C PRO A 92 -10.20 12.37 -0.74
N VAL A 93 -8.89 12.26 -0.77
CA VAL A 93 -8.19 11.01 -1.13
C VAL A 93 -8.24 10.04 0.04
N TYR A 94 -7.56 8.93 -0.16
CA TYR A 94 -7.54 7.78 0.72
C TYR A 94 -8.08 7.95 2.14
N GLY A 95 -7.33 8.66 2.97
CA GLY A 95 -7.63 8.73 4.40
C GLY A 95 -9.03 9.26 4.69
N LYS A 96 -9.46 10.23 3.91
CA LYS A 96 -10.81 10.82 4.04
C LYS A 96 -11.90 9.75 3.82
N GLN A 97 -11.73 8.94 2.76
CA GLN A 97 -12.70 7.88 2.41
C GLN A 97 -12.69 6.76 3.43
N TRP A 98 -11.50 6.44 3.94
CA TRP A 98 -11.36 5.39 4.95
C TRP A 98 -12.09 5.75 6.27
N ARG A 99 -11.94 7.00 6.66
CA ARG A 99 -12.34 7.43 8.00
C ARG A 99 -13.67 8.18 8.04
N ALA A 100 -14.07 8.73 6.90
CA ALA A 100 -15.14 9.74 6.83
C ALA A 100 -15.80 9.80 5.48
N TRP A 101 -16.14 8.65 4.94
CA TRP A 101 -16.87 8.58 3.66
C TRP A 101 -18.22 9.27 3.81
N PRO A 102 -18.45 10.30 3.00
CA PRO A 102 -19.69 11.08 3.11
C PRO A 102 -20.88 10.50 2.37
N THR A 103 -22.01 10.48 3.03
CA THR A 103 -23.23 9.97 2.42
C THR A 103 -24.12 11.12 1.92
N PRO A 104 -25.11 10.80 1.06
CA PRO A 104 -26.09 11.81 0.60
C PRO A 104 -26.85 12.45 1.77
N ASP A 105 -27.43 11.61 2.62
CA ASP A 105 -28.17 12.12 3.79
C ASP A 105 -27.30 12.79 4.87
N GLY A 106 -26.07 13.13 4.54
CA GLY A 106 -25.24 13.97 5.42
C GLY A 106 -24.30 13.29 6.42
N ARG A 107 -24.34 11.97 6.53
CA ARG A 107 -23.46 11.26 7.51
C ARG A 107 -22.04 11.04 7.00
N HIS A 108 -21.18 10.60 7.89
CA HIS A 108 -19.82 10.23 7.52
C HIS A 108 -19.58 8.87 8.07
N ILE A 109 -19.09 7.97 7.24
CA ILE A 109 -18.88 6.59 7.71
C ILE A 109 -17.40 6.29 7.90
N ASP A 110 -17.08 5.78 9.08
CA ASP A 110 -15.74 5.48 9.41
C ASP A 110 -15.60 3.99 9.09
N GLN A 111 -15.03 3.68 7.93
CA GLN A 111 -14.92 2.30 7.47
C GLN A 111 -13.95 1.51 8.31
N ILE A 112 -12.95 2.19 8.87
CA ILE A 112 -11.93 1.44 9.68
C ILE A 112 -12.56 0.93 10.99
N THR A 113 -13.35 1.78 11.64
CA THR A 113 -14.05 1.41 12.89
C THR A 113 -15.04 0.33 12.60
N THR A 114 -15.76 0.45 11.47
CA THR A 114 -16.70 -0.59 11.06
C THR A 114 -16.01 -1.95 10.91
N VAL A 115 -14.85 -1.96 10.26
CA VAL A 115 -14.10 -3.20 10.01
C VAL A 115 -13.65 -3.85 11.33
N LEU A 116 -13.13 -3.02 12.23
CA LEU A 116 -12.79 -3.49 13.59
C LEU A 116 -13.98 -4.19 14.31
N ASN A 117 -15.13 -3.54 14.26
CA ASN A 117 -16.38 -4.09 14.79
C ASN A 117 -16.77 -5.42 14.17
N GLN A 118 -16.62 -5.51 12.84
CA GLN A 118 -16.84 -6.75 12.13
C GLN A 118 -15.88 -7.84 12.50
N LEU A 119 -14.61 -7.52 12.62
CA LEU A 119 -13.60 -8.54 12.90
C LEU A 119 -13.79 -9.07 14.33
N LYS A 120 -14.25 -8.21 15.21
CA LYS A 120 -14.41 -8.57 16.64
C LYS A 120 -15.75 -9.29 16.93
N ASN A 121 -16.72 -9.14 16.06
CA ASN A 121 -18.08 -9.66 16.31
C ASN A 121 -18.64 -10.60 15.24
N ASP A 122 -18.07 -10.53 14.05
CA ASP A 122 -18.56 -11.33 12.94
C ASP A 122 -17.42 -11.72 12.01
N PRO A 123 -16.41 -12.38 12.54
CA PRO A 123 -15.21 -12.66 11.79
C PRO A 123 -15.39 -13.50 10.51
N ASP A 124 -16.48 -14.28 10.43
CA ASP A 124 -16.76 -15.09 9.26
C ASP A 124 -17.36 -14.30 8.09
N SER A 125 -17.71 -13.05 8.35
CA SER A 125 -18.36 -12.19 7.37
C SER A 125 -17.54 -12.10 6.08
N ARG A 126 -18.27 -12.12 4.97
CA ARG A 126 -17.70 -12.02 3.66
C ARG A 126 -17.81 -10.61 3.12
N ARG A 127 -18.08 -9.65 4.00
CA ARG A 127 -18.33 -8.25 3.64
C ARG A 127 -17.43 -7.28 4.39
N ILE A 128 -16.26 -7.75 4.80
CA ILE A 128 -15.34 -6.93 5.56
C ILE A 128 -14.38 -6.22 4.60
N ILE A 129 -14.85 -5.06 4.16
CA ILE A 129 -14.33 -4.32 3.02
C ILE A 129 -14.11 -2.84 3.36
N VAL A 130 -13.02 -2.30 2.82
CA VAL A 130 -12.79 -0.86 2.84
C VAL A 130 -12.62 -0.45 1.38
N SER A 131 -13.35 0.56 0.99
CA SER A 131 -13.20 1.14 -0.36
C SER A 131 -12.82 2.61 -0.33
N ALA A 132 -11.86 2.97 -1.17
CA ALA A 132 -11.50 4.40 -1.41
C ALA A 132 -12.20 4.94 -2.66
N TRP A 133 -12.87 4.07 -3.40
CA TRP A 133 -13.43 4.42 -4.70
C TRP A 133 -14.81 5.01 -4.53
N ASN A 134 -14.79 6.23 -4.06
CA ASN A 134 -16.02 7.02 -3.87
C ASN A 134 -16.29 7.78 -5.15
N VAL A 135 -17.19 7.20 -5.93
CA VAL A 135 -17.51 7.71 -7.27
C VAL A 135 -17.92 9.19 -7.24
N GLY A 136 -18.67 9.58 -6.21
CA GLY A 136 -19.19 10.95 -6.10
C GLY A 136 -18.17 12.01 -5.76
N GLU A 137 -16.96 11.60 -5.37
CA GLU A 137 -15.93 12.53 -4.97
C GLU A 137 -14.65 12.43 -5.82
N LEU A 138 -14.65 11.54 -6.81
CA LEU A 138 -13.46 11.30 -7.66
C LEU A 138 -12.95 12.61 -8.26
N ASP A 139 -13.89 13.43 -8.70
CA ASP A 139 -13.54 14.67 -9.40
C ASP A 139 -12.89 15.72 -8.53
N LYS A 140 -12.91 15.51 -7.22
CA LYS A 140 -12.25 16.43 -6.28
C LYS A 140 -10.89 15.97 -5.81
N MET A 141 -10.54 14.72 -6.16
CA MET A 141 -9.27 14.14 -5.76
C MET A 141 -8.12 14.50 -6.69
N ALA A 142 -6.93 14.74 -6.12
CA ALA A 142 -5.70 15.03 -6.94
C ALA A 142 -5.45 13.93 -7.94
N LEU A 143 -5.55 12.70 -7.44
CA LEU A 143 -5.42 11.49 -8.28
C LEU A 143 -6.50 10.55 -7.79
N ALA A 144 -7.04 9.77 -8.73
CA ALA A 144 -7.91 8.65 -8.39
C ALA A 144 -7.10 7.60 -7.59
N PRO A 145 -7.75 6.95 -6.61
CA PRO A 145 -7.00 5.99 -5.78
C PRO A 145 -6.41 4.87 -6.59
N CYS A 146 -5.13 4.58 -6.40
CA CYS A 146 -4.49 3.43 -7.07
C CYS A 146 -4.81 2.16 -6.37
N HIS A 147 -4.58 2.14 -5.08
CA HIS A 147 -4.97 0.99 -4.26
C HIS A 147 -6.39 1.27 -3.79
N ALA A 148 -7.36 0.58 -4.39
CA ALA A 148 -8.71 1.12 -4.43
C ALA A 148 -9.67 0.49 -3.41
N PHE A 149 -9.44 -0.78 -3.08
CA PHE A 149 -10.49 -1.62 -2.50
C PHE A 149 -9.78 -2.78 -1.85
N PHE A 150 -10.07 -3.04 -0.57
CA PHE A 150 -9.48 -4.18 0.07
C PHE A 150 -10.45 -4.92 1.02
N GLN A 151 -10.23 -6.23 1.13
CA GLN A 151 -11.07 -7.08 1.89
C GLN A 151 -10.29 -7.91 2.88
N PHE A 152 -10.84 -8.02 4.08
CA PHE A 152 -10.28 -8.94 5.08
C PHE A 152 -11.03 -10.24 5.11
N TYR A 153 -10.36 -11.23 5.64
CA TYR A 153 -10.84 -12.60 5.72
C TYR A 153 -10.20 -13.24 6.96
N VAL A 154 -10.99 -13.96 7.71
CA VAL A 154 -10.48 -14.74 8.87
C VAL A 154 -10.80 -16.24 8.70
N ALA A 155 -9.78 -17.05 8.90
CA ALA A 155 -9.88 -18.54 8.88
C ALA A 155 -8.83 -19.10 9.81
N ASP A 156 -9.25 -19.97 10.72
CA ASP A 156 -8.33 -20.74 11.52
C ASP A 156 -7.49 -19.81 12.37
N GLY A 157 -8.09 -18.73 12.85
CA GLY A 157 -7.37 -17.80 13.75
C GLY A 157 -6.35 -16.88 13.09
N LYS A 158 -6.34 -16.86 11.76
CA LYS A 158 -5.47 -16.00 11.00
C LYS A 158 -6.22 -14.95 10.18
N LEU A 159 -5.64 -13.77 10.13
CA LEU A 159 -6.17 -12.64 9.36
C LEU A 159 -5.45 -12.50 8.03
N SER A 160 -6.23 -12.60 6.96
CA SER A 160 -5.75 -12.31 5.58
C SER A 160 -6.38 -11.02 5.01
N CYS A 161 -5.76 -10.52 3.95
CA CYS A 161 -6.26 -9.35 3.30
C CYS A 161 -5.96 -9.43 1.80
N GLN A 162 -6.90 -8.97 1.00
CA GLN A 162 -6.69 -8.86 -0.43
C GLN A 162 -6.89 -7.42 -0.85
N LEU A 163 -5.94 -6.91 -1.62
CA LEU A 163 -6.01 -5.56 -2.15
C LEU A 163 -6.26 -5.63 -3.65
N TYR A 164 -7.24 -4.87 -4.13
CA TYR A 164 -7.37 -4.58 -5.60
C TYR A 164 -6.75 -3.22 -5.90
N GLN A 165 -5.66 -3.27 -6.68
CA GLN A 165 -4.92 -2.09 -7.12
C GLN A 165 -5.14 -1.93 -8.63
N ARG A 166 -5.92 -0.93 -8.98
CA ARG A 166 -6.36 -0.70 -10.38
C ARG A 166 -5.23 -0.33 -11.34
N SER A 167 -4.20 0.29 -10.75
CA SER A 167 -3.06 0.81 -11.50
C SER A 167 -1.84 0.73 -10.61
N CYS A 168 -0.78 0.17 -11.15
CA CYS A 168 0.42 -0.13 -10.40
C CYS A 168 1.71 0.20 -11.15
N ASP A 169 2.40 1.21 -10.64
CA ASP A 169 3.77 1.54 -11.08
C ASP A 169 4.67 0.52 -10.40
N VAL A 170 5.09 -0.47 -11.16
CA VAL A 170 5.80 -1.62 -10.58
C VAL A 170 7.12 -1.28 -9.92
N PHE A 171 7.83 -0.33 -10.48
CA PHE A 171 9.15 0.01 -9.96
C PHE A 171 9.08 0.87 -8.69
N LEU A 172 8.30 1.92 -8.75
CA LEU A 172 8.30 2.90 -7.68
C LEU A 172 7.25 2.60 -6.65
N GLY A 173 6.03 2.33 -7.11
CA GLY A 173 4.86 2.25 -6.22
C GLY A 173 4.72 0.93 -5.53
N LEU A 174 4.81 -0.14 -6.29
CA LEU A 174 4.52 -1.47 -5.73
C LEU A 174 5.27 -1.89 -4.45
N PRO A 175 6.60 -1.65 -4.37
CA PRO A 175 7.31 -1.99 -3.11
C PRO A 175 6.70 -1.27 -1.90
N PHE A 176 6.31 -0.01 -2.08
CA PHE A 176 5.62 0.73 -1.00
C PHE A 176 4.27 0.15 -0.67
N ASN A 177 3.48 -0.15 -1.70
CA ASN A 177 2.10 -0.60 -1.52
C ASN A 177 2.05 -1.96 -0.80
N ILE A 178 2.93 -2.88 -1.19
CA ILE A 178 2.98 -4.18 -0.52
C ILE A 178 3.30 -4.03 0.98
N ALA A 179 4.33 -3.26 1.27
CA ALA A 179 4.77 -3.04 2.66
C ALA A 179 3.70 -2.34 3.49
N SER A 180 3.07 -1.35 2.87
CA SER A 180 2.07 -0.56 3.55
C SER A 180 0.93 -1.45 4.04
N TYR A 181 0.43 -2.27 3.12
CA TYR A 181 -0.73 -3.12 3.45
C TYR A 181 -0.35 -4.26 4.39
N ALA A 182 0.87 -4.79 4.24
CA ALA A 182 1.37 -5.84 5.17
C ALA A 182 1.41 -5.32 6.56
N LEU A 183 1.90 -4.08 6.69
CA LEU A 183 1.91 -3.38 7.96
C LEU A 183 0.50 -3.24 8.60
N LEU A 184 -0.46 -2.87 7.79
CA LEU A 184 -1.86 -2.71 8.25
C LEU A 184 -2.45 -4.03 8.72
N VAL A 185 -2.11 -5.10 8.00
CA VAL A 185 -2.59 -6.42 8.37
C VAL A 185 -2.01 -6.81 9.75
N HIS A 186 -0.71 -6.53 9.97
CA HIS A 186 -0.07 -6.78 11.28
C HIS A 186 -0.74 -5.98 12.41
N MET A 187 -1.06 -4.73 12.13
CA MET A 187 -1.75 -3.85 13.12
C MET A 187 -3.16 -4.32 13.45
N MET A 188 -3.90 -4.61 12.40
CA MET A 188 -5.25 -5.14 12.54
C MET A 188 -5.30 -6.44 13.36
N ALA A 189 -4.41 -7.37 13.03
CA ALA A 189 -4.30 -8.68 13.70
C ALA A 189 -3.96 -8.48 15.19
N GLN A 190 -3.03 -7.56 15.46
CA GLN A 190 -2.65 -7.25 16.86
C GLN A 190 -3.87 -6.75 17.64
N GLN A 191 -4.61 -5.83 17.04
CA GLN A 191 -5.78 -5.24 17.68
C GLN A 191 -6.93 -6.24 17.90
N CYS A 192 -6.97 -7.27 17.05
CA CYS A 192 -8.03 -8.26 17.08
C CYS A 192 -7.65 -9.57 17.69
N ASP A 193 -6.44 -9.65 18.20
CA ASP A 193 -5.81 -10.88 18.73
C ASP A 193 -5.79 -12.05 17.75
N LEU A 194 -5.41 -11.79 16.52
CA LEU A 194 -5.33 -12.83 15.52
C LEU A 194 -3.90 -12.98 15.13
N GLU A 195 -3.59 -14.09 14.48
CA GLU A 195 -2.30 -14.26 13.86
C GLU A 195 -2.43 -13.69 12.44
N VAL A 196 -1.29 -13.41 11.84
CA VAL A 196 -1.25 -12.95 10.45
C VAL A 196 -1.31 -14.14 9.51
N GLY A 197 -2.02 -13.93 8.42
CA GLY A 197 -2.17 -14.91 7.41
C GLY A 197 -1.52 -14.41 6.14
N ASP A 198 -2.33 -14.31 5.08
CA ASP A 198 -1.82 -13.97 3.76
C ASP A 198 -2.18 -12.55 3.39
N PHE A 199 -1.29 -11.93 2.66
CA PHE A 199 -1.60 -10.72 1.92
C PHE A 199 -1.65 -11.12 0.43
N VAL A 200 -2.79 -10.86 -0.18
CA VAL A 200 -3.03 -11.20 -1.57
C VAL A 200 -3.10 -9.89 -2.33
N TRP A 201 -2.23 -9.74 -3.30
CA TRP A 201 -2.20 -8.55 -4.13
C TRP A 201 -2.73 -8.88 -5.51
N THR A 202 -3.69 -8.07 -5.96
CA THR A 202 -4.29 -8.17 -7.28
C THR A 202 -4.18 -6.85 -8.00
N GLY A 203 -3.62 -6.91 -9.21
CA GLY A 203 -3.47 -5.74 -10.03
C GLY A 203 -4.36 -5.72 -11.26
N GLY A 204 -4.74 -4.50 -11.61
CA GLY A 204 -5.36 -4.16 -12.88
C GLY A 204 -4.27 -3.88 -13.89
N ASP A 205 -4.13 -2.64 -14.28
CA ASP A 205 -3.06 -2.21 -15.22
C ASP A 205 -1.74 -2.08 -14.48
N THR A 206 -0.92 -3.10 -14.69
CA THR A 206 0.33 -3.30 -13.96
C THR A 206 1.46 -3.03 -14.94
N HIS A 207 2.27 -2.01 -14.66
CA HIS A 207 3.13 -1.45 -15.69
C HIS A 207 4.48 -0.96 -15.19
N LEU A 208 5.39 -0.93 -16.15
CA LEU A 208 6.72 -0.34 -15.99
C LEU A 208 6.80 0.86 -16.89
N TYR A 209 7.22 1.98 -16.31
CA TYR A 209 7.40 3.19 -17.10
C TYR A 209 8.63 3.01 -17.97
N SER A 210 8.58 3.68 -19.13
CA SER A 210 9.60 3.52 -20.18
C SER A 210 10.97 4.06 -19.74
N ASN A 211 10.95 4.99 -18.80
CA ASN A 211 12.16 5.58 -18.25
C ASN A 211 12.56 4.98 -16.89
N HIS A 212 12.20 3.70 -16.72
CA HIS A 212 12.61 2.87 -15.57
C HIS A 212 13.26 1.58 -16.05
N MET A 213 13.56 1.52 -17.34
CA MET A 213 14.08 0.28 -17.94
C MET A 213 15.50 -0.07 -17.46
N ASP A 214 16.35 0.93 -17.39
CA ASP A 214 17.74 0.70 -16.93
C ASP A 214 17.71 0.22 -15.47
N GLN A 215 16.81 0.81 -14.71
CA GLN A 215 16.70 0.56 -13.26
C GLN A 215 16.18 -0.79 -13.03
N THR A 216 15.23 -1.17 -13.89
CA THR A 216 14.67 -2.51 -13.86
C THR A 216 15.70 -3.59 -14.19
N HIS A 217 16.51 -3.35 -15.21
CA HIS A 217 17.54 -4.36 -15.58
C HIS A 217 18.57 -4.53 -14.45
N LEU A 218 18.91 -3.42 -13.84
CA LEU A 218 19.88 -3.43 -12.73
C LEU A 218 19.33 -4.28 -11.59
N GLN A 219 18.09 -4.02 -11.21
CA GLN A 219 17.51 -4.69 -10.06
C GLN A 219 17.32 -6.16 -10.32
N LEU A 220 16.96 -6.50 -11.56
CA LEU A 220 16.79 -7.93 -11.94
C LEU A 220 18.10 -8.73 -11.89
N SER A 221 19.23 -8.04 -11.89
CA SER A 221 20.53 -8.72 -11.79
C SER A 221 20.88 -9.10 -10.37
N ARG A 222 20.08 -8.64 -9.40
CA ARG A 222 20.42 -8.80 -7.99
C ARG A 222 19.72 -9.98 -7.36
N GLU A 223 20.39 -10.65 -6.44
CA GLU A 223 19.74 -11.76 -5.70
C GLU A 223 18.98 -11.29 -4.45
N PRO A 224 17.73 -11.78 -4.28
CA PRO A 224 17.04 -11.39 -3.07
C PRO A 224 17.69 -11.94 -1.82
N ARG A 225 17.60 -11.15 -0.77
CA ARG A 225 18.09 -11.52 0.54
C ARG A 225 16.93 -11.99 1.38
N PRO A 226 17.23 -12.62 2.52
CA PRO A 226 16.17 -13.06 3.39
C PRO A 226 15.31 -11.90 3.86
N LEU A 227 14.04 -12.18 4.01
CA LEU A 227 13.08 -11.20 4.45
C LEU A 227 13.32 -10.79 5.89
N PRO A 228 13.10 -9.52 6.19
CA PRO A 228 13.18 -9.10 7.58
C PRO A 228 11.96 -9.54 8.39
N LYS A 229 12.03 -9.24 9.68
CA LYS A 229 10.95 -9.53 10.63
C LYS A 229 10.38 -8.24 11.16
N LEU A 230 9.05 -8.16 11.23
CA LEU A 230 8.40 -7.00 11.84
C LEU A 230 8.11 -7.28 13.30
N ILE A 231 8.60 -6.36 14.14
CA ILE A 231 8.29 -6.41 15.57
C ILE A 231 7.48 -5.19 15.92
N ILE A 232 6.31 -5.38 16.51
CA ILE A 232 5.52 -4.28 17.04
C ILE A 232 5.75 -4.30 18.56
N LYS A 233 6.30 -3.22 19.09
CA LYS A 233 6.83 -3.23 20.46
C LYS A 233 5.80 -2.99 21.55
N ARG A 234 4.66 -2.41 21.22
CA ARG A 234 3.60 -2.36 22.20
C ARG A 234 2.30 -2.49 21.49
N LYS A 235 1.28 -2.70 22.32
CA LYS A 235 -0.10 -2.78 21.87
C LYS A 235 -0.85 -1.52 22.24
N PRO A 236 -1.04 -0.61 21.30
CA PRO A 236 -1.77 0.60 21.61
C PRO A 236 -3.23 0.30 21.90
N GLU A 237 -3.92 1.29 22.44
CA GLU A 237 -5.28 1.11 22.90
C GLU A 237 -6.24 1.00 21.74
N SER A 238 -5.82 1.56 20.61
CA SER A 238 -6.61 1.48 19.41
C SER A 238 -5.75 1.52 18.16
N ILE A 239 -6.37 1.19 17.04
CA ILE A 239 -5.71 1.18 15.71
C ILE A 239 -5.27 2.59 15.33
N PHE A 240 -5.85 3.59 15.97
CA PHE A 240 -5.53 4.99 15.64
C PHE A 240 -4.43 5.56 16.50
N ASP A 241 -3.80 4.73 17.32
CA ASP A 241 -2.83 5.23 18.33
C ASP A 241 -1.41 4.74 18.15
N TYR A 242 -1.11 4.21 16.97
CA TYR A 242 0.24 3.74 16.70
C TYR A 242 1.11 4.95 16.45
N ARG A 243 2.37 4.74 16.77
CA ARG A 243 3.43 5.71 16.51
C ARG A 243 4.58 5.08 15.74
N PHE A 244 5.33 5.93 15.06
CA PHE A 244 6.47 5.46 14.26
C PHE A 244 7.38 4.59 15.10
N GLU A 245 7.61 5.02 16.34
CA GLU A 245 8.58 4.32 17.24
C GLU A 245 8.11 2.94 17.66
N ASP A 246 6.85 2.60 17.41
CA ASP A 246 6.33 1.29 17.81
C ASP A 246 6.76 0.12 16.95
N PHE A 247 7.31 0.42 15.78
CA PHE A 247 7.71 -0.57 14.82
C PHE A 247 9.21 -0.77 14.74
N GLU A 248 9.61 -2.03 14.73
CA GLU A 248 11.01 -2.40 14.47
C GLU A 248 11.04 -3.36 13.32
N ILE A 249 11.92 -3.10 12.35
CA ILE A 249 12.17 -4.02 11.26
C ILE A 249 13.55 -4.60 11.47
N GLU A 250 13.60 -5.85 11.83
CA GLU A 250 14.84 -6.49 12.21
C GLU A 250 15.40 -7.38 11.10
N GLY A 251 16.68 -7.21 10.82
CA GLY A 251 17.37 -8.05 9.84
C GLY A 251 17.11 -7.58 8.42
N TYR A 252 16.95 -6.28 8.24
CA TYR A 252 16.75 -5.74 6.89
C TYR A 252 18.10 -5.29 6.36
N ASP A 253 18.59 -5.99 5.35
CA ASP A 253 19.92 -5.74 4.81
C ASP A 253 19.85 -5.74 3.27
N PRO A 254 19.31 -4.65 2.72
CA PRO A 254 19.09 -4.55 1.31
C PRO A 254 20.31 -4.22 0.49
N HIS A 255 20.16 -4.50 -0.78
CA HIS A 255 21.05 -3.97 -1.80
C HIS A 255 20.80 -2.48 -1.86
N PRO A 256 21.70 -1.75 -2.50
CA PRO A 256 21.55 -0.31 -2.52
C PRO A 256 20.31 0.20 -3.24
N GLY A 257 19.93 1.39 -2.85
CA GLY A 257 18.83 2.11 -3.45
C GLY A 257 19.09 2.45 -4.89
N ILE A 258 18.00 2.52 -5.65
CA ILE A 258 18.05 2.85 -7.08
C ILE A 258 17.12 4.00 -7.35
N LYS A 259 17.68 5.09 -7.83
CA LYS A 259 16.89 6.28 -8.11
C LYS A 259 16.12 6.17 -9.41
N ALA A 260 14.88 6.66 -9.41
CA ALA A 260 14.09 6.69 -10.65
C ALA A 260 13.12 7.83 -10.59
N PRO A 261 12.87 8.48 -11.74
CA PRO A 261 11.98 9.62 -11.73
C PRO A 261 10.52 9.18 -11.69
N VAL A 262 9.72 9.97 -11.02
CA VAL A 262 8.29 9.72 -10.91
C VAL A 262 7.60 10.42 -12.09
N ALA A 263 6.66 9.71 -12.71
CA ALA A 263 5.87 10.22 -13.83
C ALA A 263 4.68 10.98 -13.29
N ILE A 264 4.58 12.29 -13.53
CA ILE A 264 3.55 13.11 -12.88
C ILE A 264 2.32 13.39 -13.74
P PO4 B . 21.52 3.50 -0.24
O1 PO4 B . 20.38 4.46 -0.33
O2 PO4 B . 22.76 4.32 -0.06
O3 PO4 B . 21.69 2.74 -1.51
O4 PO4 B . 21.52 2.42 0.84
N3 THG C . 2.61 8.42 -10.14
N3 THG C . 3.73 6.22 -9.60
C2 THG C . 3.44 7.49 -10.61
C2 THG C . 3.34 7.43 -10.04
N1 THG C . 3.91 6.49 -9.84
N1 THG C . 2.78 8.39 -9.27
C8A THG C . 3.57 6.41 -8.54
C8A THG C . 2.56 8.20 -7.97
C4A THG C . 2.68 7.41 -7.96
C4A THG C . 2.99 6.90 -7.47
C4 THG C . 2.22 8.44 -8.88
C4 THG C . 3.58 5.90 -8.31
N8 THG C . 4.05 5.45 -7.76
N8 THG C . 2.05 9.14 -7.13
C7 THG C . 3.82 5.41 -6.37
C7 THG C . 1.98 8.95 -5.70
C6 THG C . 2.70 6.33 -5.83
C6 THG C . 2.47 7.55 -5.30
N5 THG C . 2.34 7.45 -6.66
N5 THG C . 2.87 6.56 -6.22
C9 THG C . 2.46 6.61 -4.29
C9 THG C . 2.40 6.74 -4.05
N10 THG C . 3.65 6.02 -3.79
C4' THG C . 4.92 6.52 -4.04
C3' THG C . 5.95 5.71 -3.62
C2' THG C . 7.25 6.09 -3.80
C1' THG C . 7.59 7.29 -4.42
C6' THG C . 6.57 8.12 -4.86
C5' THG C . 5.25 7.74 -4.66
C11 THG C . 9.05 7.63 -4.58
N THG C . 9.87 6.86 -3.87
CA THG C . 11.27 6.84 -3.76
C THG C . 11.88 5.53 -4.08
OX2 THG C . 13.05 5.51 -4.70
OX1 THG C . 11.29 4.50 -3.68
CB THG C . 12.02 7.94 -3.06
CG THG C . 11.53 7.80 -1.61
CD THG C . 11.89 8.98 -0.72
OE1 THG C . 12.88 8.91 -0.01
OE2 THG C . 11.14 10.09 -0.71
O11 THG C . 9.43 8.51 -5.33
O4 THG C . 1.44 9.32 -8.48
O4 THG C . 3.88 4.83 -7.75
N2 THG C . 3.79 7.56 -11.91
N2 THG C . 3.52 7.71 -11.33
P PO4 D . 13.16 2.13 11.28
O1 PO4 D . 14.14 3.02 12.02
O2 PO4 D . 11.96 2.90 10.82
O3 PO4 D . 12.77 1.03 12.25
O4 PO4 D . 13.81 1.51 10.07
P NDU E . -3.17 6.82 -13.09
OP1 NDU E . -3.20 5.32 -13.05
OP2 NDU E . -3.08 7.38 -14.51
OP3 NDU E . -4.19 7.42 -12.17
O5' NDU E . -1.72 7.20 -12.49
C5' NDU E . -1.25 6.81 -11.18
C4' NDU E . 0.16 6.22 -11.28
C3' NDU E . 0.20 4.85 -11.95
O3' NDU E . 1.51 4.65 -12.50
C2' NDU E . -0.15 3.91 -10.78
C1' NDU E . 0.69 4.58 -9.71
O4' NDU E . 0.67 6.03 -9.96
N1 NDU E . 0.37 4.38 -8.30
C2 NDU E . 0.81 3.29 -7.58
O2 NDU E . 1.38 2.33 -8.16
N3 NDU E . 0.56 3.23 -6.26
C4 NDU E . 0.03 4.22 -5.55
O4 NDU E . -0.07 4.15 -4.27
C5 NDU E . -0.39 5.39 -6.34
C6 NDU E . -0.60 5.13 -7.71
N5 NDU E . -0.93 6.51 -5.70
O51 NDU E . -1.25 7.52 -6.30
O52 NDU E . -1.08 6.49 -4.35
#